data_6MN1
#
_entry.id   6MN1
#
_cell.length_a   127.337
_cell.length_b   127.337
_cell.length_c   95.271
_cell.angle_alpha   90.00
_cell.angle_beta   90.00
_cell.angle_gamma   120.00
#
_symmetry.space_group_name_H-M   'P 31 2 1'
#
loop_
_entity.id
_entity.type
_entity.pdbx_description
1 polymer 'Aminoglycoside N(3)-acetyltransferase'
2 non-polymer 'COENZYME A'
3 non-polymer '(2R,3R,4R,5R)-2-((1S,2S,3R,4S,6R)-4,6-DIAMINO-3-((2R,3R,6S)-3-AMINO-6-(AMINOMETHYL)-TETRAHYDRO-2H-PYRAN-2-YLOXY)-2-HYDR OXYCYCLOHEXYLOXY)-5-METHYL-4-(METHYLAMINO)-TETRAHYDRO-2H-PYRAN-3,5-DIOL'
4 non-polymer 'CHLORIDE ION'
5 non-polymer 'SULFATE ION'
6 non-polymer 3,6,9,12,15,18,21,24,27,30,33,36,39-TRIDECAOXAHENTETRACONTANE-1,41-DIOL
7 non-polymer GLYCEROL
8 water water
#
_entity_poly.entity_id   1
_entity_poly.type   'polypeptide(L)'
_entity_poly.pdbx_seq_one_letter_code
;VSSRVSTRSSLAEDLRAIGLADGDAVLVHAALRKVGKIVGGPDDILDAMRDVIGPAGTVLGYADWQLEDEIRDDPAMREH
IPAFDPLRSRSIRDNGFWPELIRTTPGALRSASPGASMAAIGGEAEWFTADHALDYGYGPRSPLGKLVEAKGKVLMLGAP
LDTMTLLAHAEHLADFPNKRILRYEAPILVDGEKVWRWFEEFDTSDPPDGLADDYFAGIVEEFLATGRGKRGKIGEASSV
LVPADEIVAFAVDWLERWGRTAR
;
_entity_poly.pdbx_strand_id   A,B
#
# COMPACT_ATOMS: atom_id res chain seq x y z
N SER A 3 -8.40 -14.95 -20.55
CA SER A 3 -7.52 -16.08 -20.27
C SER A 3 -6.08 -15.77 -20.65
N ARG A 4 -5.86 -14.58 -21.19
CA ARG A 4 -4.54 -14.12 -21.57
C ARG A 4 -3.82 -13.65 -20.31
N VAL A 5 -2.50 -13.81 -20.30
CA VAL A 5 -1.70 -13.42 -19.14
C VAL A 5 -0.66 -12.40 -19.58
N SER A 6 -0.57 -11.31 -18.83
CA SER A 6 0.45 -10.29 -19.07
C SER A 6 1.71 -10.62 -18.29
N THR A 7 2.85 -10.32 -18.90
CA THR A 7 4.15 -10.41 -18.24
C THR A 7 4.83 -9.05 -18.31
N ARG A 8 5.87 -8.91 -17.50
CA ARG A 8 6.71 -7.72 -17.60
C ARG A 8 7.20 -7.53 -19.02
N SER A 9 7.54 -8.62 -19.71
CA SER A 9 8.01 -8.53 -21.08
C SER A 9 6.90 -8.10 -22.02
N SER A 10 5.73 -8.73 -21.92
CA SER A 10 4.65 -8.40 -22.86
C SER A 10 4.05 -7.04 -22.57
N LEU A 11 4.07 -6.61 -21.30
CA LEU A 11 3.61 -5.26 -20.98
C LEU A 11 4.54 -4.22 -21.58
N ALA A 12 5.84 -4.49 -21.60
CA ALA A 12 6.77 -3.55 -22.22
C ALA A 12 6.54 -3.43 -23.72
N GLU A 13 6.14 -4.54 -24.37
CA GLU A 13 5.80 -4.48 -25.79
C GLU A 13 4.54 -3.66 -26.03
N ASP A 14 3.52 -3.86 -25.20
CA ASP A 14 2.29 -3.09 -25.34
C ASP A 14 2.54 -1.60 -25.13
N LEU A 15 3.45 -1.27 -24.21
CA LEU A 15 3.71 0.14 -23.92
C LEU A 15 4.46 0.80 -25.06
N ARG A 16 5.46 0.11 -25.62
CA ARG A 16 6.14 0.63 -26.80
C ARG A 16 5.19 0.77 -27.98
N ALA A 17 4.25 -0.16 -28.12
CA ALA A 17 3.33 -0.14 -29.26
C ALA A 17 2.38 1.04 -29.18
N ILE A 18 2.03 1.50 -27.97
CA ILE A 18 1.15 2.67 -27.86
C ILE A 18 1.93 3.98 -27.95
N GLY A 19 3.25 3.95 -27.83
CA GLY A 19 4.02 5.15 -28.05
C GLY A 19 4.99 5.54 -26.94
N LEU A 20 4.95 4.84 -25.82
CA LEU A 20 5.92 5.10 -24.76
C LEU A 20 7.33 4.80 -25.27
N ALA A 21 8.27 5.69 -24.96
CA ALA A 21 9.59 5.62 -25.55
C ALA A 21 10.67 5.95 -24.52
N ASP A 22 11.91 5.76 -24.94
CA ASP A 22 13.07 6.02 -24.09
C ASP A 22 13.08 7.48 -23.64
N GLY A 23 13.21 7.69 -22.33
CA GLY A 23 13.33 9.02 -21.75
C GLY A 23 12.03 9.73 -21.45
N ASP A 24 10.88 9.12 -21.72
CA ASP A 24 9.61 9.78 -21.51
C ASP A 24 9.34 10.02 -20.04
N ALA A 25 8.61 11.09 -19.75
CA ALA A 25 7.95 11.30 -18.47
C ALA A 25 6.47 11.10 -18.70
N VAL A 26 5.86 10.15 -17.97
CA VAL A 26 4.47 9.78 -18.23
C VAL A 26 3.70 9.81 -16.92
N LEU A 27 2.61 10.58 -16.90
CA LEU A 27 1.62 10.53 -15.83
C LEU A 27 0.58 9.48 -16.19
N VAL A 28 0.36 8.52 -15.29
CA VAL A 28 -0.49 7.37 -15.56
C VAL A 28 -1.72 7.44 -14.67
N HIS A 29 -2.89 7.27 -15.28
CA HIS A 29 -4.13 7.01 -14.55
C HIS A 29 -4.59 5.61 -14.90
N ALA A 30 -4.90 4.80 -13.89
CA ALA A 30 -5.05 3.38 -14.13
C ALA A 30 -6.31 2.83 -13.49
N ALA A 31 -6.96 1.91 -14.21
CA ALA A 31 -7.96 0.99 -13.68
C ALA A 31 -7.34 -0.39 -13.83
N LEU A 32 -6.61 -0.82 -12.81
CA LEU A 32 -5.72 -1.98 -12.96
C LEU A 32 -6.49 -3.27 -13.25
N ARG A 33 -7.73 -3.37 -12.77
CA ARG A 33 -8.51 -4.57 -13.03
C ARG A 33 -8.67 -4.81 -14.53
N LYS A 34 -8.75 -3.74 -15.33
CA LYS A 34 -8.96 -3.91 -16.76
C LYS A 34 -7.75 -4.49 -17.47
N VAL A 35 -6.57 -4.46 -16.84
CA VAL A 35 -5.38 -5.04 -17.47
C VAL A 35 -5.48 -6.55 -17.53
N GLY A 36 -6.27 -7.17 -16.68
CA GLY A 36 -6.36 -8.62 -16.65
C GLY A 36 -5.30 -9.24 -15.77
N LYS A 37 -5.07 -10.54 -16.00
CA LYS A 37 -4.12 -11.28 -15.18
C LYS A 37 -2.69 -10.84 -15.50
N ILE A 38 -1.90 -10.63 -14.45
CA ILE A 38 -0.49 -10.27 -14.58
C ILE A 38 0.31 -11.19 -13.68
N VAL A 39 1.38 -11.79 -14.23
CA VAL A 39 2.17 -12.77 -13.50
C VAL A 39 2.68 -12.20 -12.19
N GLY A 40 3.28 -11.02 -12.24
CA GLY A 40 3.86 -10.42 -11.04
C GLY A 40 3.02 -9.33 -10.41
N GLY A 41 1.72 -9.33 -10.68
CA GLY A 41 0.86 -8.28 -10.17
C GLY A 41 1.15 -6.97 -10.86
N PRO A 42 0.46 -5.90 -10.42
CA PRO A 42 0.60 -4.61 -11.12
C PRO A 42 2.00 -3.99 -11.04
N ASP A 43 2.87 -4.46 -10.13
CA ASP A 43 4.25 -3.95 -10.14
C ASP A 43 4.97 -4.30 -11.44
N ASP A 44 4.50 -5.34 -12.15
CA ASP A 44 5.02 -5.63 -13.49
C ASP A 44 4.78 -4.48 -14.45
N ILE A 45 3.68 -3.74 -14.27
CA ILE A 45 3.39 -2.60 -15.14
C ILE A 45 4.42 -1.50 -14.92
N LEU A 46 4.67 -1.15 -13.65
CA LEU A 46 5.65 -0.12 -13.35
C LEU A 46 7.05 -0.53 -13.78
N ASP A 47 7.39 -1.81 -13.58
CA ASP A 47 8.70 -2.30 -14.01
C ASP A 47 8.84 -2.24 -15.52
N ALA A 48 7.80 -2.67 -16.25
CA ALA A 48 7.84 -2.61 -17.70
C ALA A 48 7.96 -1.17 -18.20
N MET A 49 7.26 -0.23 -17.56
CA MET A 49 7.35 1.17 -17.94
C MET A 49 8.78 1.69 -17.75
N ARG A 50 9.38 1.42 -16.59
CA ARG A 50 10.75 1.84 -16.36
C ARG A 50 11.71 1.15 -17.33
N ASP A 51 11.39 -0.08 -17.76
CA ASP A 51 12.20 -0.73 -18.78
C ASP A 51 12.15 0.03 -20.09
N VAL A 52 10.97 0.52 -20.47
CA VAL A 52 10.84 1.20 -21.76
C VAL A 52 11.45 2.60 -21.70
N ILE A 53 11.13 3.36 -20.65
CA ILE A 53 11.61 4.74 -20.60
C ILE A 53 13.05 4.85 -20.13
N GLY A 54 13.60 3.80 -19.51
CA GLY A 54 14.97 3.83 -19.06
C GLY A 54 15.14 4.66 -17.81
N PRO A 55 16.35 4.68 -17.26
CA PRO A 55 16.57 5.36 -15.97
C PRO A 55 16.39 6.87 -16.03
N ALA A 56 16.44 7.49 -17.21
CA ALA A 56 16.20 8.92 -17.30
C ALA A 56 14.72 9.26 -17.31
N GLY A 57 13.85 8.28 -17.57
CA GLY A 57 12.42 8.52 -17.59
C GLY A 57 11.83 8.58 -16.19
N THR A 58 10.59 9.09 -16.14
CA THR A 58 9.87 9.25 -14.89
C THR A 58 8.44 8.77 -15.07
N VAL A 59 7.94 8.03 -14.07
CA VAL A 59 6.55 7.59 -14.01
C VAL A 59 5.87 8.31 -12.86
N LEU A 60 4.65 8.78 -13.08
CA LEU A 60 3.92 9.54 -12.07
C LEU A 60 2.54 8.96 -11.85
N GLY A 61 1.98 9.27 -10.69
CA GLY A 61 0.60 8.93 -10.37
C GLY A 61 0.03 10.01 -9.48
N TYR A 62 -1.29 10.15 -9.52
CA TYR A 62 -1.95 11.25 -8.82
C TYR A 62 -2.39 10.74 -7.44
N ALA A 63 -1.69 11.19 -6.40
CA ALA A 63 -1.87 10.60 -5.08
C ALA A 63 -3.00 11.25 -4.30
N ASP A 64 -3.01 12.59 -4.22
CA ASP A 64 -3.96 13.31 -3.36
C ASP A 64 -3.71 12.83 -1.92
N TRP A 65 -4.72 12.86 -1.06
CA TRP A 65 -4.63 12.23 0.25
C TRP A 65 -6.04 12.03 0.78
N GLN A 66 -6.14 11.42 1.96
CA GLN A 66 -7.37 10.77 2.39
C GLN A 66 -8.27 11.63 3.28
N LEU A 67 -7.84 12.84 3.64
CA LEU A 67 -8.66 13.69 4.52
C LEU A 67 -9.98 14.03 3.82
N GLU A 68 -11.08 13.68 4.46
CA GLU A 68 -12.40 13.97 3.90
C GLU A 68 -12.84 15.38 4.28
N ASP A 69 -13.62 16.00 3.38
CA ASP A 69 -14.04 17.37 3.60
C ASP A 69 -14.92 17.50 4.83
N GLU A 70 -15.80 16.50 5.07
CA GLU A 70 -16.67 16.55 6.23
C GLU A 70 -15.89 16.47 7.53
N ILE A 71 -14.86 15.62 7.57
CA ILE A 71 -13.99 15.55 8.75
C ILE A 71 -13.20 16.85 8.88
N ARG A 72 -12.66 17.34 7.77
CA ARG A 72 -11.80 18.53 7.80
C ARG A 72 -12.53 19.73 8.39
N ASP A 73 -13.81 19.89 8.06
CA ASP A 73 -14.59 21.05 8.46
C ASP A 73 -15.36 20.83 9.76
N ASP A 74 -15.24 19.66 10.38
CA ASP A 74 -15.91 19.40 11.65
C ASP A 74 -14.96 19.82 12.77
N PRO A 75 -15.25 20.90 13.49
CA PRO A 75 -14.31 21.35 14.53
C PRO A 75 -14.13 20.36 15.65
N ALA A 76 -15.09 19.45 15.87
CA ALA A 76 -14.91 18.40 16.86
C ALA A 76 -13.77 17.46 16.50
N MET A 77 -13.35 17.44 15.23
CA MET A 77 -12.28 16.56 14.77
C MET A 77 -10.91 17.24 14.69
N ARG A 78 -10.86 18.55 14.88
CA ARG A 78 -9.69 19.34 14.49
C ARG A 78 -8.40 18.80 15.10
N GLU A 79 -8.40 18.55 16.41
CA GLU A 79 -7.17 18.14 17.08
C GLU A 79 -6.76 16.70 16.73
N HIS A 80 -7.68 15.91 16.17
CA HIS A 80 -7.41 14.51 15.90
C HIS A 80 -6.99 14.22 14.47
N ILE A 81 -7.20 15.15 13.54
CA ILE A 81 -6.85 14.91 12.14
C ILE A 81 -5.33 14.93 12.00
N PRO A 82 -4.73 13.89 11.41
CA PRO A 82 -3.29 13.94 11.14
C PRO A 82 -2.95 14.93 10.03
N ALA A 83 -1.84 15.64 10.20
CA ALA A 83 -1.39 16.57 9.18
C ALA A 83 -0.95 15.81 7.93
N PHE A 84 -1.05 16.49 6.78
CA PHE A 84 -0.51 15.93 5.56
C PHE A 84 1.00 15.82 5.67
N ASP A 85 1.52 14.65 5.31
CA ASP A 85 2.94 14.37 5.36
C ASP A 85 3.27 13.66 4.05
N PRO A 86 4.03 14.30 3.15
CA PRO A 86 4.27 13.67 1.83
C PRO A 86 4.95 12.32 1.93
N LEU A 87 5.59 12.01 3.06
CA LEU A 87 6.26 10.73 3.27
C LEU A 87 5.36 9.66 3.87
N ARG A 88 4.21 10.05 4.45
CA ARG A 88 3.42 9.08 5.21
C ARG A 88 1.96 9.06 4.82
N SER A 89 1.43 10.17 4.32
CA SER A 89 0.02 10.23 3.95
C SER A 89 -0.25 9.33 2.76
N ARG A 90 -1.17 8.38 2.93
CA ARG A 90 -1.47 7.45 1.85
C ARG A 90 -2.33 8.12 0.79
N SER A 91 -2.23 7.62 -0.44
CA SER A 91 -2.99 8.18 -1.54
C SER A 91 -4.47 8.01 -1.30
N ILE A 92 -5.26 8.96 -1.83
CA ILE A 92 -6.70 8.81 -1.79
C ILE A 92 -7.09 7.52 -2.50
N ARG A 93 -8.04 6.77 -1.91
CA ARG A 93 -8.39 5.48 -2.48
C ARG A 93 -9.20 5.62 -3.76
N ASP A 94 -9.89 6.76 -3.94
CA ASP A 94 -10.69 6.99 -5.14
C ASP A 94 -9.85 6.97 -6.41
N ASN A 95 -8.56 7.24 -6.31
CA ASN A 95 -7.69 7.24 -7.49
C ASN A 95 -7.13 5.86 -7.81
N GLY A 96 -7.57 4.83 -7.09
CA GLY A 96 -7.13 3.48 -7.35
C GLY A 96 -5.77 3.17 -6.75
N PHE A 97 -5.39 1.90 -6.85
CA PHE A 97 -4.14 1.44 -6.25
C PHE A 97 -2.92 2.06 -6.91
N TRP A 98 -3.04 2.52 -8.16
CA TRP A 98 -1.85 2.86 -8.94
C TRP A 98 -0.98 3.94 -8.29
N PRO A 99 -1.49 5.10 -7.86
CA PRO A 99 -0.59 6.07 -7.21
C PRO A 99 0.04 5.52 -5.94
N GLU A 100 -0.70 4.71 -5.18
CA GLU A 100 -0.14 4.14 -3.97
C GLU A 100 0.92 3.09 -4.28
N LEU A 101 0.73 2.34 -5.36
CA LEU A 101 1.76 1.43 -5.87
C LEU A 101 3.08 2.18 -6.08
N ILE A 102 3.02 3.30 -6.81
CA ILE A 102 4.23 4.09 -7.05
C ILE A 102 4.76 4.65 -5.73
N ARG A 103 3.90 5.33 -4.97
CA ARG A 103 4.33 6.01 -3.76
C ARG A 103 5.09 5.09 -2.82
N THR A 104 4.64 3.85 -2.67
CA THR A 104 5.24 2.89 -1.75
C THR A 104 6.37 2.09 -2.39
N THR A 105 6.75 2.40 -3.63
CA THR A 105 7.94 1.79 -4.21
C THR A 105 9.18 2.55 -3.72
N PRO A 106 10.17 1.86 -3.15
CA PRO A 106 11.36 2.59 -2.65
C PRO A 106 12.03 3.35 -3.78
N GLY A 107 12.39 4.60 -3.49
CA GLY A 107 12.90 5.52 -4.48
C GLY A 107 11.87 6.53 -4.97
N ALA A 108 10.60 6.27 -4.74
CA ALA A 108 9.56 7.19 -5.17
C ALA A 108 9.50 8.40 -4.26
N LEU A 109 9.12 9.52 -4.84
CA LEU A 109 8.95 10.76 -4.12
C LEU A 109 7.52 11.24 -4.28
N ARG A 110 7.08 12.10 -3.37
CA ARG A 110 5.71 12.57 -3.34
C ARG A 110 5.72 14.06 -3.02
N SER A 111 5.00 14.85 -3.81
CA SER A 111 5.09 16.31 -3.73
C SER A 111 4.30 16.84 -2.52
N ALA A 112 4.46 18.13 -2.26
CA ALA A 112 4.04 18.72 -0.99
C ALA A 112 2.64 19.31 -0.98
N SER A 113 2.03 19.54 -2.14
CA SER A 113 0.72 20.19 -2.14
C SER A 113 -0.37 19.14 -1.95
N PRO A 114 -1.01 19.09 -0.77
CA PRO A 114 -1.74 17.87 -0.35
C PRO A 114 -2.76 17.33 -1.36
N GLY A 115 -3.82 18.09 -1.61
CA GLY A 115 -4.87 17.60 -2.50
C GLY A 115 -4.41 17.39 -3.93
N ALA A 116 -3.41 18.16 -4.37
CA ALA A 116 -2.86 18.03 -5.72
C ALA A 116 -1.62 17.15 -5.78
N SER A 117 -1.22 16.53 -4.67
CA SER A 117 0.09 15.91 -4.60
C SER A 117 0.23 14.75 -5.58
N MET A 118 1.44 14.61 -6.11
CA MET A 118 1.76 13.55 -7.06
C MET A 118 2.89 12.70 -6.52
N ALA A 119 2.84 11.42 -6.84
CA ALA A 119 3.94 10.50 -6.59
C ALA A 119 4.70 10.28 -7.89
N ALA A 120 6.02 10.18 -7.81
CA ALA A 120 6.85 10.03 -8.99
C ALA A 120 8.03 9.13 -8.66
N ILE A 121 8.47 8.38 -9.67
CA ILE A 121 9.67 7.55 -9.55
C ILE A 121 10.39 7.56 -10.89
N GLY A 122 11.72 7.67 -10.84
CA GLY A 122 12.53 7.69 -12.04
C GLY A 122 13.53 8.82 -11.98
N GLY A 123 14.10 9.13 -13.15
CA GLY A 123 15.26 10.01 -13.19
C GLY A 123 14.97 11.45 -12.82
N GLU A 124 13.74 11.92 -13.06
CA GLU A 124 13.39 13.30 -12.75
C GLU A 124 12.29 13.37 -11.68
N ALA A 125 12.18 12.33 -10.86
CA ALA A 125 11.14 12.34 -9.82
C ALA A 125 11.35 13.47 -8.84
N GLU A 126 12.61 13.85 -8.57
CA GLU A 126 12.86 14.94 -7.64
C GLU A 126 12.43 16.28 -8.23
N TRP A 127 12.79 16.54 -9.49
CA TRP A 127 12.38 17.78 -10.13
C TRP A 127 10.86 17.87 -10.25
N PHE A 128 10.22 16.77 -10.62
CA PHE A 128 8.76 16.79 -10.81
C PHE A 128 8.02 17.06 -9.52
N THR A 129 8.52 16.56 -8.39
CA THR A 129 7.82 16.70 -7.13
C THR A 129 8.30 17.91 -6.32
N ALA A 130 9.35 18.61 -6.77
CA ALA A 130 9.88 19.72 -6.02
C ALA A 130 9.04 20.98 -6.22
N ASP A 131 9.01 21.83 -5.19
CA ASP A 131 8.47 23.18 -5.30
C ASP A 131 7.02 23.16 -5.78
N HIS A 132 6.21 22.26 -5.22
CA HIS A 132 4.80 22.18 -5.59
C HIS A 132 4.02 23.23 -4.79
N ALA A 133 3.43 24.20 -5.49
CA ALA A 133 2.73 25.29 -4.83
C ALA A 133 1.56 24.77 -3.99
N LEU A 134 1.47 25.25 -2.76
CA LEU A 134 0.37 24.85 -1.89
C LEU A 134 -0.96 25.42 -2.38
N ASP A 135 -0.99 26.73 -2.65
CA ASP A 135 -2.14 27.35 -3.29
C ASP A 135 -2.04 27.16 -4.80
N TYR A 136 -3.18 26.93 -5.43
CA TYR A 136 -3.25 26.69 -6.87
C TYR A 136 -2.26 25.62 -7.29
N GLY A 137 -2.36 24.46 -6.64
CA GLY A 137 -1.46 23.36 -6.89
C GLY A 137 -1.63 22.66 -8.22
N TYR A 138 -2.52 23.16 -9.07
CA TYR A 138 -2.70 22.64 -10.42
C TYR A 138 -2.21 23.63 -11.48
N GLY A 139 -1.53 24.70 -11.06
CA GLY A 139 -1.05 25.71 -11.98
C GLY A 139 0.38 25.48 -12.42
N PRO A 140 1.07 26.57 -12.77
CA PRO A 140 2.43 26.41 -13.34
C PRO A 140 3.45 25.79 -12.38
N ARG A 141 3.31 26.00 -11.08
CA ARG A 141 4.27 25.48 -10.11
C ARG A 141 3.76 24.15 -9.54
N SER A 142 3.82 23.12 -10.37
CA SER A 142 3.22 21.83 -10.03
C SER A 142 3.76 20.78 -10.99
N PRO A 143 3.72 19.51 -10.60
CA PRO A 143 4.11 18.43 -11.53
C PRO A 143 3.34 18.46 -12.84
N LEU A 144 2.10 18.94 -12.83
CA LEU A 144 1.34 19.07 -14.07
C LEU A 144 1.97 20.12 -14.97
N GLY A 145 2.28 21.29 -14.42
CA GLY A 145 2.99 22.29 -15.21
C GLY A 145 4.34 21.79 -15.70
N LYS A 146 5.08 21.09 -14.84
CA LYS A 146 6.39 20.58 -15.24
C LYS A 146 6.26 19.49 -16.30
N LEU A 147 5.16 18.73 -16.28
CA LEU A 147 4.93 17.71 -17.30
C LEU A 147 4.76 18.34 -18.67
N VAL A 148 4.01 19.46 -18.74
CA VAL A 148 3.91 20.21 -19.99
C VAL A 148 5.28 20.72 -20.40
N GLU A 149 5.99 21.35 -19.45
CA GLU A 149 7.32 21.90 -19.73
C GLU A 149 8.28 20.84 -20.24
N ALA A 150 8.25 19.64 -19.66
CA ALA A 150 9.14 18.57 -20.06
C ALA A 150 8.65 17.82 -21.29
N LYS A 151 7.52 18.24 -21.87
CA LYS A 151 6.88 17.56 -22.99
C LYS A 151 6.65 16.08 -22.67
N GLY A 152 6.08 15.85 -21.48
CA GLY A 152 5.72 14.52 -21.04
C GLY A 152 4.45 14.04 -21.70
N LYS A 153 3.99 12.87 -21.25
CA LYS A 153 2.80 12.23 -21.79
C LYS A 153 1.86 11.86 -20.66
N VAL A 154 0.62 11.53 -21.02
CA VAL A 154 -0.35 10.99 -20.09
C VAL A 154 -0.86 9.68 -20.65
N LEU A 155 -0.85 8.64 -19.82
CA LEU A 155 -1.39 7.34 -20.19
C LEU A 155 -2.63 7.07 -19.35
N MET A 156 -3.78 6.97 -20.01
CA MET A 156 -4.97 6.44 -19.38
C MET A 156 -4.93 4.92 -19.57
N LEU A 157 -4.63 4.21 -18.49
CA LEU A 157 -4.45 2.75 -18.51
C LEU A 157 -5.76 2.11 -18.09
N GLY A 158 -6.66 1.90 -19.06
CA GLY A 158 -7.98 1.42 -18.76
C GLY A 158 -8.84 2.39 -17.97
N ALA A 159 -8.30 3.52 -17.56
CA ALA A 159 -9.02 4.47 -16.73
C ALA A 159 -10.00 5.27 -17.57
N PRO A 160 -11.14 5.63 -17.00
CA PRO A 160 -12.07 6.52 -17.72
C PRO A 160 -11.40 7.84 -18.06
N LEU A 161 -11.73 8.35 -19.24
CA LEU A 161 -11.03 9.51 -19.78
C LEU A 161 -11.25 10.78 -18.96
N ASP A 162 -12.32 10.85 -18.17
CA ASP A 162 -12.56 12.04 -17.37
C ASP A 162 -11.69 12.09 -16.11
N THR A 163 -10.87 11.08 -15.84
CA THR A 163 -9.96 11.12 -14.70
C THR A 163 -8.60 11.71 -15.07
N MET A 164 -8.47 12.26 -16.28
CA MET A 164 -7.23 12.89 -16.70
C MET A 164 -7.02 14.20 -15.94
N THR A 165 -6.30 14.14 -14.82
CA THR A 165 -6.15 15.32 -13.96
C THR A 165 -5.37 16.44 -14.64
N LEU A 166 -4.60 16.13 -15.68
CA LEU A 166 -3.87 17.17 -16.40
C LEU A 166 -4.82 18.26 -16.91
N LEU A 167 -6.07 17.90 -17.21
CA LEU A 167 -7.03 18.89 -17.68
C LEU A 167 -7.39 19.90 -16.60
N ALA A 168 -7.16 19.58 -15.33
CA ALA A 168 -7.33 20.59 -14.29
C ALA A 168 -6.28 21.69 -14.43
N HIS A 169 -5.10 21.35 -14.93
CA HIS A 169 -4.10 22.37 -15.23
C HIS A 169 -4.57 23.28 -16.34
N ALA A 170 -5.23 22.71 -17.36
CA ALA A 170 -5.85 23.54 -18.39
C ALA A 170 -6.99 24.37 -17.83
N GLU A 171 -7.79 23.80 -16.92
CA GLU A 171 -8.81 24.56 -16.22
C GLU A 171 -8.19 25.74 -15.48
N HIS A 172 -7.00 25.55 -14.92
CA HIS A 172 -6.31 26.65 -14.25
C HIS A 172 -5.92 27.75 -15.23
N LEU A 173 -5.38 27.37 -16.39
CA LEU A 173 -4.84 28.35 -17.32
C LEU A 173 -5.94 29.05 -18.13
N ALA A 174 -7.07 28.38 -18.34
CA ALA A 174 -8.06 28.86 -19.29
C ALA A 174 -8.72 30.14 -18.81
N ASP A 175 -8.85 31.11 -19.71
CA ASP A 175 -9.50 32.39 -19.42
C ASP A 175 -10.97 32.25 -19.79
N PHE A 176 -11.81 31.98 -18.80
CA PHE A 176 -13.26 31.98 -18.99
C PHE A 176 -13.91 32.62 -17.77
N PRO A 177 -15.11 33.17 -17.92
CA PRO A 177 -15.68 33.98 -16.84
C PRO A 177 -16.13 33.15 -15.65
N ASN A 178 -16.09 33.77 -14.48
CA ASN A 178 -16.68 33.23 -13.25
C ASN A 178 -16.04 31.90 -12.84
N LYS A 179 -14.71 31.89 -12.81
CA LYS A 179 -13.97 30.73 -12.33
C LYS A 179 -14.15 30.59 -10.82
N ARG A 180 -14.74 29.48 -10.39
CA ARG A 180 -14.98 29.27 -8.97
C ARG A 180 -13.67 29.09 -8.22
N ILE A 181 -13.52 29.81 -7.11
CA ILE A 181 -12.33 29.77 -6.27
C ILE A 181 -12.70 29.11 -4.94
N LEU A 182 -11.92 28.12 -4.54
CA LEU A 182 -12.13 27.39 -3.29
C LEU A 182 -11.17 27.87 -2.22
N ARG A 183 -11.69 28.06 -1.01
CA ARG A 183 -10.88 28.37 0.16
C ARG A 183 -11.19 27.35 1.25
N TYR A 184 -10.14 26.79 1.84
CA TYR A 184 -10.32 25.79 2.89
C TYR A 184 -9.08 25.77 3.76
N GLU A 185 -9.24 25.20 4.95
CA GLU A 185 -8.17 25.07 5.93
C GLU A 185 -7.84 23.60 6.12
N ALA A 186 -6.55 23.28 6.19
CA ALA A 186 -6.13 21.89 6.28
C ALA A 186 -4.81 21.81 7.03
N PRO A 187 -4.57 20.73 7.78
CA PRO A 187 -3.33 20.63 8.54
C PRO A 187 -2.19 20.10 7.68
N ILE A 188 -1.02 20.71 7.86
CA ILE A 188 0.21 20.30 7.19
C ILE A 188 1.35 20.36 8.19
N LEU A 189 2.52 19.88 7.77
CA LEU A 189 3.72 19.92 8.60
C LEU A 189 4.63 21.04 8.12
N VAL A 190 5.04 21.90 9.06
CA VAL A 190 6.01 22.95 8.80
C VAL A 190 7.24 22.64 9.65
N ASP A 191 8.32 22.21 9.00
CA ASP A 191 9.51 21.70 9.68
C ASP A 191 9.15 20.66 10.75
N GLY A 192 8.31 19.70 10.34
CA GLY A 192 7.98 18.58 11.20
C GLY A 192 7.04 18.90 12.34
N GLU A 193 6.19 19.90 12.20
CA GLU A 193 5.18 20.20 13.20
C GLU A 193 3.88 20.60 12.53
N LYS A 194 2.78 20.05 13.04
CA LYS A 194 1.46 20.25 12.45
C LYS A 194 0.97 21.67 12.67
N VAL A 195 0.67 22.37 11.59
CA VAL A 195 -0.02 23.66 11.65
C VAL A 195 -1.18 23.62 10.67
N TRP A 196 -2.26 24.32 11.02
CA TRP A 196 -3.40 24.47 10.13
C TRP A 196 -3.17 25.69 9.24
N ARG A 197 -3.31 25.50 7.93
CA ARG A 197 -3.05 26.54 6.95
C ARG A 197 -4.26 26.71 6.06
N TRP A 198 -4.54 27.95 5.67
CA TRP A 198 -5.62 28.24 4.73
C TRP A 198 -5.10 28.10 3.30
N PHE A 199 -5.89 27.45 2.46
CA PHE A 199 -5.53 27.15 1.07
C PHE A 199 -6.50 27.83 0.13
N GLU A 200 -6.01 28.17 -1.06
CA GLU A 200 -6.84 28.74 -2.11
C GLU A 200 -6.48 28.08 -3.44
N GLU A 201 -7.49 27.78 -4.24
CA GLU A 201 -7.31 27.15 -5.54
C GLU A 201 -8.61 27.26 -6.31
N PHE A 202 -8.49 27.11 -7.63
CA PHE A 202 -9.68 26.92 -8.45
C PHE A 202 -10.30 25.55 -8.15
N ASP A 203 -11.63 25.50 -8.14
CA ASP A 203 -12.35 24.28 -7.80
C ASP A 203 -12.06 23.19 -8.82
N THR A 204 -11.56 22.05 -8.34
CA THR A 204 -11.36 20.87 -9.19
C THR A 204 -12.33 19.74 -8.89
N SER A 205 -13.11 19.82 -7.81
CA SER A 205 -14.06 18.77 -7.50
C SER A 205 -15.40 18.94 -8.22
N ASP A 206 -15.69 20.13 -8.72
CA ASP A 206 -16.88 20.37 -9.50
C ASP A 206 -16.50 21.08 -10.79
N PRO A 207 -17.20 20.78 -11.89
CA PRO A 207 -16.90 21.43 -13.16
C PRO A 207 -17.35 22.88 -13.14
N PRO A 208 -16.92 23.69 -14.12
CA PRO A 208 -17.51 25.02 -14.28
C PRO A 208 -19.02 24.94 -14.48
N ASP A 209 -19.73 25.96 -14.01
CA ASP A 209 -21.18 25.99 -14.14
C ASP A 209 -21.60 25.83 -15.58
N GLY A 210 -22.53 24.90 -15.83
CA GLY A 210 -23.02 24.62 -17.16
C GLY A 210 -22.39 23.41 -17.83
N LEU A 211 -21.27 22.93 -17.31
CA LEU A 211 -20.58 21.78 -17.88
C LEU A 211 -20.89 20.53 -17.06
N ALA A 212 -20.99 19.40 -17.74
CA ALA A 212 -21.26 18.13 -17.08
C ALA A 212 -20.07 17.72 -16.21
N ASP A 213 -20.34 16.81 -15.27
CA ASP A 213 -19.30 16.39 -14.34
C ASP A 213 -18.15 15.68 -15.04
N ASP A 214 -18.42 15.06 -16.19
CA ASP A 214 -17.44 14.26 -16.91
C ASP A 214 -17.01 14.93 -18.23
N TYR A 215 -17.06 16.26 -18.30
CA TYR A 215 -16.77 16.93 -19.55
C TYR A 215 -15.30 16.79 -19.96
N PHE A 216 -14.41 16.47 -19.02
CA PHE A 216 -13.03 16.16 -19.37
C PHE A 216 -12.97 15.05 -20.42
N ALA A 217 -13.83 14.03 -20.29
CA ALA A 217 -13.80 12.91 -21.23
C ALA A 217 -14.14 13.35 -22.65
N GLY A 218 -15.14 14.22 -22.79
CA GLY A 218 -15.45 14.76 -24.10
C GLY A 218 -14.28 15.49 -24.72
N ILE A 219 -13.50 16.21 -23.89
CA ILE A 219 -12.38 16.98 -24.42
C ILE A 219 -11.30 16.06 -24.99
N VAL A 220 -10.98 15.00 -24.25
CA VAL A 220 -9.98 14.04 -24.67
C VAL A 220 -10.41 13.38 -25.97
N GLU A 221 -11.66 12.93 -26.01
CA GLU A 221 -12.20 12.31 -27.21
C GLU A 221 -12.13 13.26 -28.41
N GLU A 222 -12.47 14.54 -28.19
CA GLU A 222 -12.33 15.52 -29.27
C GLU A 222 -10.87 15.71 -29.67
N PHE A 223 -9.96 15.62 -28.70
CA PHE A 223 -8.54 15.69 -29.02
C PHE A 223 -8.11 14.51 -29.87
N LEU A 224 -8.55 13.30 -29.50
CA LEU A 224 -8.21 12.12 -30.28
C LEU A 224 -8.86 12.16 -31.66
N ALA A 225 -9.99 12.84 -31.79
CA ALA A 225 -10.65 12.94 -33.08
C ALA A 225 -9.83 13.69 -34.11
N THR A 226 -8.87 14.52 -33.66
CA THR A 226 -7.99 15.23 -34.57
C THR A 226 -6.82 14.38 -35.07
N GLY A 227 -6.76 13.11 -34.67
CA GLY A 227 -5.68 12.25 -35.09
C GLY A 227 -4.44 12.29 -34.23
N ARG A 228 -4.39 13.16 -33.22
CA ARG A 228 -3.30 13.16 -32.27
C ARG A 228 -3.63 12.21 -31.12
N GLY A 229 -2.59 11.80 -30.39
CA GLY A 229 -2.76 10.77 -29.39
C GLY A 229 -2.76 9.40 -30.02
N LYS A 230 -2.93 8.38 -29.17
CA LYS A 230 -2.84 7.00 -29.64
C LYS A 230 -3.61 6.09 -28.70
N ARG A 231 -4.33 5.13 -29.29
CA ARG A 231 -5.05 4.11 -28.54
C ARG A 231 -4.35 2.77 -28.69
N GLY A 232 -4.55 1.92 -27.70
CA GLY A 232 -3.93 0.60 -27.73
C GLY A 232 -4.32 -0.18 -26.50
N LYS A 233 -4.07 -1.47 -26.57
CA LYS A 233 -4.32 -2.38 -25.45
C LYS A 233 -3.04 -2.55 -24.65
N ILE A 234 -3.11 -2.27 -23.35
CA ILE A 234 -2.06 -2.60 -22.39
C ILE A 234 -2.58 -3.80 -21.59
N GLY A 235 -2.08 -4.99 -21.91
CA GLY A 235 -2.73 -6.19 -21.42
C GLY A 235 -4.12 -6.29 -22.03
N GLU A 236 -5.14 -6.36 -21.19
CA GLU A 236 -6.52 -6.32 -21.67
C GLU A 236 -7.15 -4.94 -21.56
N ALA A 237 -6.40 -3.92 -21.15
CA ALA A 237 -6.96 -2.62 -20.85
C ALA A 237 -6.87 -1.71 -22.06
N SER A 238 -8.03 -1.25 -22.54
CA SER A 238 -8.06 -0.21 -23.56
C SER A 238 -7.44 1.06 -23.00
N SER A 239 -6.42 1.57 -23.67
CA SER A 239 -5.60 2.63 -23.12
C SER A 239 -5.38 3.74 -24.13
N VAL A 240 -5.02 4.91 -23.61
CA VAL A 240 -4.84 6.13 -24.40
C VAL A 240 -3.55 6.79 -23.95
N LEU A 241 -2.71 7.17 -24.92
CA LEU A 241 -1.50 7.93 -24.65
C LEU A 241 -1.56 9.23 -25.43
N VAL A 242 -1.50 10.35 -24.73
CA VAL A 242 -1.56 11.66 -25.37
C VAL A 242 -0.37 12.50 -24.95
N PRO A 243 0.13 13.39 -25.80
CA PRO A 243 1.17 14.33 -25.37
C PRO A 243 0.60 15.39 -24.45
N ALA A 244 1.31 15.66 -23.35
CA ALA A 244 0.80 16.54 -22.31
C ALA A 244 0.60 17.97 -22.83
N ASP A 245 1.60 18.51 -23.54
CA ASP A 245 1.53 19.91 -23.94
C ASP A 245 0.43 20.14 -24.98
N GLU A 246 0.25 19.19 -25.89
CA GLU A 246 -0.73 19.37 -26.95
C GLU A 246 -2.16 19.32 -26.41
N ILE A 247 -2.44 18.40 -25.48
CA ILE A 247 -3.81 18.30 -24.99
C ILE A 247 -4.13 19.45 -24.05
N VAL A 248 -3.13 20.01 -23.36
CA VAL A 248 -3.39 21.18 -22.54
C VAL A 248 -3.71 22.39 -23.41
N ALA A 249 -2.93 22.59 -24.48
CA ALA A 249 -3.23 23.67 -25.41
C ALA A 249 -4.59 23.48 -26.04
N PHE A 250 -4.92 22.26 -26.42
CA PHE A 250 -6.23 21.96 -26.98
C PHE A 250 -7.34 22.24 -25.96
N ALA A 251 -7.12 21.84 -24.70
CA ALA A 251 -8.16 22.01 -23.69
C ALA A 251 -8.34 23.46 -23.31
N VAL A 252 -7.24 24.22 -23.21
CA VAL A 252 -7.35 25.64 -22.92
C VAL A 252 -8.13 26.35 -24.01
N ASP A 253 -7.82 26.04 -25.28
CA ASP A 253 -8.59 26.59 -26.39
C ASP A 253 -10.06 26.21 -26.29
N TRP A 254 -10.33 24.94 -25.98
CA TRP A 254 -11.71 24.48 -25.84
C TRP A 254 -12.46 25.29 -24.78
N LEU A 255 -11.84 25.48 -23.62
CA LEU A 255 -12.53 26.18 -22.53
C LEU A 255 -12.69 27.67 -22.82
N GLU A 256 -11.64 28.30 -23.37
CA GLU A 256 -11.72 29.73 -23.66
C GLU A 256 -12.75 30.01 -24.75
N ARG A 257 -12.86 29.12 -25.74
CA ARG A 257 -13.92 29.27 -26.74
C ARG A 257 -15.29 29.05 -26.12
N TRP A 258 -15.40 28.11 -25.17
CA TRP A 258 -16.66 27.90 -24.47
C TRP A 258 -17.02 29.12 -23.62
N GLY A 259 -16.03 29.73 -22.96
CA GLY A 259 -16.30 30.88 -22.12
C GLY A 259 -16.78 32.10 -22.88
N ARG A 260 -16.52 32.17 -24.19
CA ARG A 260 -16.95 33.32 -24.99
C ARG A 260 -18.37 33.19 -25.49
N THR A 261 -19.01 32.03 -25.32
CA THR A 261 -20.39 31.84 -25.74
C THR A 261 -21.32 32.37 -24.66
N ALA A 262 -22.60 31.99 -24.76
CA ALA A 262 -23.64 32.40 -23.80
C ALA A 262 -23.75 33.91 -23.67
N SER B 3 -21.44 2.73 17.07
CA SER B 3 -20.67 3.20 15.93
C SER B 3 -20.25 4.67 16.11
N ARG B 4 -19.13 4.88 16.79
CA ARG B 4 -18.59 6.21 17.02
C ARG B 4 -17.09 6.16 16.78
N VAL B 5 -16.50 7.34 16.56
CA VAL B 5 -15.18 7.45 15.96
C VAL B 5 -14.09 7.14 16.97
N SER B 6 -13.10 6.36 16.54
CA SER B 6 -11.85 6.19 17.26
C SER B 6 -10.86 7.25 16.81
N THR B 7 -10.01 7.67 17.75
CA THR B 7 -8.92 8.58 17.44
C THR B 7 -7.59 7.94 17.86
N ARG B 8 -6.50 8.62 17.51
CA ARG B 8 -5.18 8.16 17.92
C ARG B 8 -5.06 8.12 19.44
N SER B 9 -5.58 9.12 20.13
CA SER B 9 -5.58 9.11 21.58
C SER B 9 -6.56 8.08 22.13
N SER B 10 -7.71 7.93 21.49
CA SER B 10 -8.69 6.95 21.93
C SER B 10 -8.14 5.53 21.81
N LEU B 11 -7.50 5.22 20.68
CA LEU B 11 -6.95 3.89 20.50
C LEU B 11 -5.81 3.61 21.48
N ALA B 12 -5.08 4.64 21.88
CA ALA B 12 -3.99 4.45 22.83
C ALA B 12 -4.51 3.97 24.17
N GLU B 13 -5.62 4.54 24.64
CA GLU B 13 -6.13 4.15 25.95
C GLU B 13 -6.82 2.78 25.89
N ASP B 14 -7.39 2.42 24.74
CA ASP B 14 -7.89 1.06 24.57
C ASP B 14 -6.74 0.06 24.56
N LEU B 15 -5.62 0.47 23.97
CA LEU B 15 -4.43 -0.37 23.90
C LEU B 15 -3.90 -0.65 25.31
N ARG B 16 -3.74 0.39 26.11
CA ARG B 16 -3.26 0.24 27.46
C ARG B 16 -4.21 -0.60 28.30
N ALA B 17 -5.52 -0.42 28.11
CA ALA B 17 -6.51 -1.18 28.87
C ALA B 17 -6.44 -2.68 28.61
N ILE B 18 -5.89 -3.09 27.46
CA ILE B 18 -5.77 -4.52 27.19
C ILE B 18 -4.43 -5.09 27.63
N GLY B 19 -3.46 -4.24 27.96
CA GLY B 19 -2.20 -4.73 28.49
C GLY B 19 -0.96 -4.27 27.75
N LEU B 20 -1.14 -3.52 26.67
CA LEU B 20 0.02 -2.97 25.95
C LEU B 20 0.75 -1.98 26.84
N ALA B 21 2.06 -2.17 26.98
CA ALA B 21 2.85 -1.41 27.92
C ALA B 21 4.12 -0.89 27.26
N ASP B 22 4.86 -0.09 28.01
CA ASP B 22 6.11 0.48 27.51
C ASP B 22 7.12 -0.61 27.22
N GLY B 23 7.84 -0.47 26.10
CA GLY B 23 8.87 -1.40 25.72
C GLY B 23 8.38 -2.70 25.11
N ASP B 24 7.08 -2.86 24.88
CA ASP B 24 6.55 -4.12 24.39
C ASP B 24 6.90 -4.33 22.92
N ALA B 25 7.24 -5.58 22.59
CA ALA B 25 7.24 -6.06 21.21
C ALA B 25 5.94 -6.84 21.00
N VAL B 26 5.19 -6.49 19.96
CA VAL B 26 3.86 -7.06 19.77
C VAL B 26 3.65 -7.38 18.29
N LEU B 27 3.31 -8.64 18.02
CA LEU B 27 2.91 -9.08 16.68
C LEU B 27 1.39 -8.96 16.58
N VAL B 28 0.93 -8.26 15.54
CA VAL B 28 -0.48 -7.90 15.44
C VAL B 28 -1.07 -8.57 14.20
N HIS B 29 -2.20 -9.25 14.40
CA HIS B 29 -3.06 -9.72 13.31
C HIS B 29 -4.37 -8.97 13.40
N ALA B 30 -4.81 -8.38 12.29
CA ALA B 30 -5.91 -7.43 12.34
C ALA B 30 -6.96 -7.73 11.29
N ALA B 31 -8.22 -7.51 11.67
CA ALA B 31 -9.34 -7.36 10.75
C ALA B 31 -9.80 -5.91 10.94
N LEU B 32 -9.23 -5.01 10.14
CA LEU B 32 -9.33 -3.58 10.42
C LEU B 32 -10.76 -3.05 10.31
N ARG B 33 -11.63 -3.73 9.54
CA ARG B 33 -13.00 -3.26 9.43
C ARG B 33 -13.73 -3.33 10.76
N LYS B 34 -13.35 -4.26 11.62
CA LYS B 34 -14.00 -4.42 12.92
C LYS B 34 -13.75 -3.24 13.85
N VAL B 35 -12.69 -2.46 13.61
CA VAL B 35 -12.38 -1.33 14.48
C VAL B 35 -13.43 -0.22 14.32
N GLY B 36 -14.05 -0.11 13.16
CA GLY B 36 -14.97 0.96 12.90
C GLY B 36 -14.28 2.21 12.35
N LYS B 37 -14.96 3.33 12.51
CA LYS B 37 -14.47 4.59 11.97
C LYS B 37 -13.27 5.09 12.76
N ILE B 38 -12.25 5.57 12.04
CA ILE B 38 -11.04 6.13 12.63
C ILE B 38 -10.73 7.44 11.90
N VAL B 39 -10.42 8.50 12.66
CA VAL B 39 -10.22 9.82 12.07
C VAL B 39 -9.13 9.78 11.02
N GLY B 40 -7.94 9.31 11.41
CA GLY B 40 -6.79 9.33 10.52
C GLY B 40 -6.55 8.03 9.80
N GLY B 41 -7.58 7.19 9.70
CA GLY B 41 -7.46 5.90 9.06
C GLY B 41 -6.75 4.91 9.95
N PRO B 42 -6.49 3.71 9.45
CA PRO B 42 -5.86 2.66 10.28
C PRO B 42 -4.44 3.00 10.73
N ASP B 43 -3.78 3.99 10.12
CA ASP B 43 -2.46 4.40 10.58
C ASP B 43 -2.50 4.98 11.99
N ASP B 44 -3.65 5.51 12.41
CA ASP B 44 -3.86 5.89 13.80
C ASP B 44 -3.66 4.72 14.75
N ILE B 45 -4.00 3.50 14.31
CA ILE B 45 -3.82 2.31 15.13
C ILE B 45 -2.33 2.07 15.37
N LEU B 46 -1.53 2.08 14.29
CA LEU B 46 -0.10 1.89 14.44
C LEU B 46 0.55 3.05 15.19
N ASP B 47 0.05 4.27 14.96
CA ASP B 47 0.58 5.41 15.69
C ASP B 47 0.27 5.31 17.18
N ALA B 48 -0.96 4.91 17.53
CA ALA B 48 -1.30 4.74 18.94
C ALA B 48 -0.48 3.62 19.57
N MET B 49 -0.20 2.57 18.81
CA MET B 49 0.65 1.49 19.32
C MET B 49 2.04 1.98 19.67
N ARG B 50 2.64 2.78 18.78
CA ARG B 50 3.99 3.29 19.06
C ARG B 50 4.00 4.34 20.15
N ASP B 51 2.86 5.03 20.36
CA ASP B 51 2.76 5.93 21.52
C ASP B 51 2.80 5.15 22.82
N VAL B 52 2.15 3.98 22.86
CA VAL B 52 2.05 3.22 24.09
C VAL B 52 3.36 2.51 24.41
N ILE B 53 3.92 1.82 23.42
CA ILE B 53 5.15 1.07 23.66
C ILE B 53 6.38 1.95 23.67
N GLY B 54 6.29 3.18 23.14
CA GLY B 54 7.44 4.06 23.11
C GLY B 54 8.44 3.64 22.05
N PRO B 55 9.52 4.42 21.90
CA PRO B 55 10.49 4.14 20.82
C PRO B 55 11.27 2.85 21.00
N ALA B 56 11.25 2.24 22.20
CA ALA B 56 11.94 0.98 22.40
C ALA B 56 11.12 -0.22 21.95
N GLY B 57 9.80 -0.07 21.84
CA GLY B 57 8.94 -1.16 21.43
C GLY B 57 8.89 -1.36 19.93
N THR B 58 8.39 -2.53 19.52
CA THR B 58 8.32 -2.93 18.13
C THR B 58 6.92 -3.44 17.82
N VAL B 59 6.38 -3.02 16.68
CA VAL B 59 5.12 -3.54 16.16
C VAL B 59 5.43 -4.36 14.92
N LEU B 60 4.88 -5.57 14.85
CA LEU B 60 5.13 -6.49 13.76
C LEU B 60 3.85 -6.89 13.06
N GLY B 61 4.00 -7.39 11.84
CA GLY B 61 2.89 -7.93 11.08
C GLY B 61 3.40 -9.03 10.18
N TYR B 62 2.51 -9.96 9.84
CA TYR B 62 2.89 -11.13 9.06
C TYR B 62 2.68 -10.83 7.59
N ALA B 63 3.78 -10.65 6.85
CA ALA B 63 3.67 -10.18 5.48
C ALA B 63 3.44 -11.32 4.49
N ASP B 64 4.28 -12.37 4.56
CA ASP B 64 4.29 -13.43 3.53
C ASP B 64 4.61 -12.74 2.20
N TRP B 65 4.18 -13.29 1.07
CA TRP B 65 4.23 -12.58 -0.21
C TRP B 65 3.23 -13.23 -1.16
N GLN B 66 3.21 -12.76 -2.40
CA GLN B 66 2.06 -12.98 -3.27
C GLN B 66 2.27 -14.08 -4.30
N LEU B 67 3.42 -14.77 -4.31
CA LEU B 67 3.62 -15.85 -5.27
C LEU B 67 2.62 -16.97 -5.04
N GLU B 68 1.85 -17.30 -6.07
CA GLU B 68 0.90 -18.40 -6.00
C GLU B 68 1.60 -19.72 -6.34
N ASP B 69 1.19 -20.78 -5.65
CA ASP B 69 1.83 -22.08 -5.83
C ASP B 69 1.66 -22.60 -7.25
N GLU B 70 0.47 -22.43 -7.84
CA GLU B 70 0.25 -22.91 -9.19
C GLU B 70 1.05 -22.13 -10.23
N ILE B 71 1.35 -20.87 -9.95
CA ILE B 71 2.23 -20.09 -10.83
C ILE B 71 3.67 -20.50 -10.61
N ARG B 72 4.08 -20.61 -9.34
CA ARG B 72 5.45 -21.00 -9.01
C ARG B 72 5.87 -22.28 -9.71
N ASP B 73 4.96 -23.25 -9.81
CA ASP B 73 5.29 -24.57 -10.33
C ASP B 73 4.97 -24.73 -11.81
N ASP B 74 4.58 -23.65 -12.49
CA ASP B 74 4.28 -23.71 -13.91
C ASP B 74 5.56 -23.43 -14.69
N PRO B 75 6.12 -24.41 -15.40
CA PRO B 75 7.39 -24.18 -16.10
C PRO B 75 7.34 -23.04 -17.10
N ALA B 76 6.18 -22.78 -17.72
CA ALA B 76 6.09 -21.67 -18.65
C ALA B 76 6.20 -20.33 -17.95
N MET B 77 6.00 -20.27 -16.63
CA MET B 77 6.02 -19.02 -15.90
C MET B 77 7.37 -18.69 -15.28
N ARG B 78 8.33 -19.61 -15.32
CA ARG B 78 9.56 -19.48 -14.55
C ARG B 78 10.27 -18.16 -14.82
N GLU B 79 10.50 -17.83 -16.09
CA GLU B 79 11.27 -16.63 -16.42
C GLU B 79 10.50 -15.34 -16.17
N HIS B 80 9.20 -15.41 -15.88
CA HIS B 80 8.39 -14.22 -15.69
C HIS B 80 8.05 -13.92 -14.25
N ILE B 81 8.29 -14.85 -13.33
CA ILE B 81 7.98 -14.65 -11.92
C ILE B 81 9.02 -13.71 -11.31
N PRO B 82 8.61 -12.59 -10.73
CA PRO B 82 9.56 -11.75 -10.00
C PRO B 82 10.02 -12.43 -8.72
N ALA B 83 11.32 -12.33 -8.44
CA ALA B 83 11.88 -12.96 -7.25
C ALA B 83 11.40 -12.25 -6.00
N PHE B 84 11.42 -12.98 -4.88
CA PHE B 84 11.09 -12.35 -3.61
C PHE B 84 12.14 -11.31 -3.27
N ASP B 85 11.68 -10.11 -2.96
CA ASP B 85 12.55 -8.99 -2.58
C ASP B 85 11.98 -8.41 -1.29
N PRO B 86 12.69 -8.52 -0.17
CA PRO B 86 12.15 -8.00 1.10
C PRO B 86 11.78 -6.53 1.03
N LEU B 87 12.47 -5.76 0.20
CA LEU B 87 12.19 -4.33 0.08
C LEU B 87 10.98 -4.02 -0.81
N ARG B 88 10.58 -4.96 -1.68
CA ARG B 88 9.62 -4.61 -2.73
C ARG B 88 8.41 -5.55 -2.81
N SER B 89 8.59 -6.81 -2.45
CA SER B 89 7.49 -7.78 -2.56
C SER B 89 6.37 -7.41 -1.61
N ARG B 90 5.16 -7.25 -2.14
CA ARG B 90 4.04 -6.82 -1.32
C ARG B 90 3.48 -7.97 -0.50
N SER B 91 2.91 -7.64 0.65
CA SER B 91 2.37 -8.65 1.55
C SER B 91 1.23 -9.42 0.88
N ILE B 92 1.08 -10.68 1.28
CA ILE B 92 -0.02 -11.49 0.77
C ILE B 92 -1.34 -10.82 1.15
N ARG B 93 -2.24 -10.69 0.18
CA ARG B 93 -3.47 -9.94 0.44
C ARG B 93 -4.37 -10.63 1.45
N ASP B 94 -4.23 -11.96 1.60
CA ASP B 94 -5.09 -12.70 2.52
C ASP B 94 -4.80 -12.40 3.96
N ASN B 95 -3.64 -11.80 4.26
CA ASN B 95 -3.33 -11.39 5.63
C ASN B 95 -3.87 -10.02 5.97
N GLY B 96 -4.62 -9.40 5.07
CA GLY B 96 -5.21 -8.11 5.33
C GLY B 96 -4.24 -6.97 5.09
N PHE B 97 -4.80 -5.75 5.13
CA PHE B 97 -3.99 -4.56 4.87
C PHE B 97 -2.96 -4.32 5.96
N TRP B 98 -3.17 -4.84 7.17
CA TRP B 98 -2.32 -4.50 8.31
C TRP B 98 -0.83 -4.74 8.06
N PRO B 99 -0.37 -5.93 7.65
CA PRO B 99 1.08 -6.07 7.39
C PRO B 99 1.59 -5.11 6.34
N GLU B 100 0.78 -4.85 5.30
CA GLU B 100 1.18 -3.91 4.27
C GLU B 100 1.21 -2.48 4.78
N LEU B 101 0.30 -2.14 5.69
CA LEU B 101 0.35 -0.86 6.39
C LEU B 101 1.71 -0.66 7.05
N ILE B 102 2.16 -1.66 7.80
CA ILE B 102 3.45 -1.56 8.48
C ILE B 102 4.59 -1.51 7.46
N ARG B 103 4.60 -2.46 6.51
CA ARG B 103 5.73 -2.58 5.61
C ARG B 103 5.98 -1.30 4.82
N THR B 104 4.92 -0.57 4.48
CA THR B 104 5.04 0.65 3.71
C THR B 104 5.18 1.90 4.58
N THR B 105 5.28 1.74 5.89
CA THR B 105 5.59 2.87 6.77
C THR B 105 7.09 3.12 6.74
N PRO B 106 7.53 4.35 6.50
CA PRO B 106 8.97 4.63 6.49
C PRO B 106 9.60 4.28 7.82
N GLY B 107 10.74 3.60 7.77
CA GLY B 107 11.41 3.07 8.93
C GLY B 107 11.19 1.60 9.16
N ALA B 108 10.15 1.02 8.56
CA ALA B 108 9.84 -0.39 8.76
C ALA B 108 10.78 -1.27 7.95
N LEU B 109 11.02 -2.48 8.47
CA LEU B 109 11.88 -3.46 7.82
C LEU B 109 11.10 -4.76 7.63
N ARG B 110 11.60 -5.60 6.74
CA ARG B 110 10.93 -6.85 6.41
C ARG B 110 11.96 -7.96 6.29
N SER B 111 11.64 -9.13 6.84
CA SER B 111 12.60 -10.23 6.93
C SER B 111 12.75 -10.95 5.59
N ALA B 112 13.77 -11.81 5.51
CA ALA B 112 14.23 -12.37 4.24
C ALA B 112 13.61 -13.71 3.87
N SER B 113 12.93 -14.39 4.80
CA SER B 113 12.36 -15.70 4.51
C SER B 113 10.99 -15.55 3.88
N PRO B 114 10.82 -15.83 2.57
CA PRO B 114 9.67 -15.31 1.81
C PRO B 114 8.30 -15.61 2.39
N GLY B 115 7.93 -16.90 2.44
CA GLY B 115 6.60 -17.25 2.93
C GLY B 115 6.37 -16.86 4.37
N ALA B 116 7.42 -16.89 5.18
CA ALA B 116 7.33 -16.59 6.61
C ALA B 116 7.72 -15.15 6.94
N SER B 117 7.89 -14.29 5.93
CA SER B 117 8.46 -12.98 6.16
C SER B 117 7.55 -12.11 7.02
N MET B 118 8.15 -11.40 7.97
CA MET B 118 7.46 -10.47 8.84
C MET B 118 7.92 -9.04 8.55
N ALA B 119 7.02 -8.10 8.74
CA ALA B 119 7.35 -6.68 8.71
C ALA B 119 7.40 -6.17 10.15
N ALA B 120 8.34 -5.27 10.43
CA ALA B 120 8.50 -4.76 11.78
C ALA B 120 8.93 -3.31 11.74
N ILE B 121 8.41 -2.52 12.68
CA ILE B 121 8.81 -1.13 12.86
C ILE B 121 8.93 -0.86 14.36
N GLY B 122 9.96 -0.12 14.75
CA GLY B 122 10.21 0.19 16.14
C GLY B 122 11.65 -0.06 16.52
N GLY B 123 11.92 0.02 17.83
CA GLY B 123 13.30 0.05 18.31
C GLY B 123 14.09 -1.21 18.00
N GLU B 124 13.43 -2.37 18.03
CA GLU B 124 14.08 -3.64 17.75
C GLU B 124 13.65 -4.22 16.40
N ALA B 125 13.20 -3.38 15.48
CA ALA B 125 12.75 -3.87 14.17
C ALA B 125 13.88 -4.53 13.40
N GLU B 126 15.11 -4.03 13.55
CA GLU B 126 16.23 -4.63 12.85
C GLU B 126 16.55 -6.02 13.39
N TRP B 127 16.54 -6.18 14.71
CA TRP B 127 16.85 -7.48 15.30
C TRP B 127 15.78 -8.52 14.94
N PHE B 128 14.51 -8.13 15.01
CA PHE B 128 13.43 -9.09 14.74
C PHE B 128 13.46 -9.61 13.31
N THR B 129 13.90 -8.78 12.35
CA THR B 129 13.87 -9.18 10.95
C THR B 129 15.20 -9.70 10.42
N ALA B 130 16.28 -9.61 11.21
CA ALA B 130 17.58 -10.07 10.75
C ALA B 130 17.70 -11.59 10.86
N ASP B 131 18.52 -12.16 9.98
CA ASP B 131 18.91 -13.57 10.03
C ASP B 131 17.69 -14.49 10.09
N HIS B 132 16.71 -14.22 9.23
CA HIS B 132 15.54 -15.09 9.16
C HIS B 132 15.87 -16.31 8.29
N ALA B 133 15.74 -17.50 8.88
CA ALA B 133 16.12 -18.72 8.19
C ALA B 133 15.24 -18.95 6.97
N LEU B 134 15.87 -19.26 5.84
CA LEU B 134 15.10 -19.54 4.63
C LEU B 134 14.35 -20.86 4.72
N ASP B 135 15.03 -21.90 5.23
CA ASP B 135 14.37 -23.17 5.53
C ASP B 135 13.89 -23.17 6.97
N TYR B 136 12.69 -23.69 7.18
CA TYR B 136 12.04 -23.71 8.49
C TYR B 136 11.97 -22.29 9.08
N GLY B 137 11.31 -21.41 8.33
CA GLY B 137 11.21 -20.01 8.71
C GLY B 137 10.26 -19.76 9.86
N TYR B 138 9.75 -20.82 10.46
CA TYR B 138 8.90 -20.71 11.64
C TYR B 138 9.56 -21.30 12.88
N GLY B 139 10.83 -21.70 12.76
CA GLY B 139 11.57 -22.26 13.87
C GLY B 139 12.21 -21.20 14.72
N PRO B 140 13.30 -21.55 15.40
CA PRO B 140 13.90 -20.59 16.34
C PRO B 140 14.59 -19.43 15.64
N ARG B 141 15.16 -19.64 14.46
CA ARG B 141 15.85 -18.59 13.72
C ARG B 141 14.85 -17.83 12.85
N SER B 142 13.92 -17.15 13.53
CA SER B 142 12.80 -16.51 12.88
C SER B 142 12.30 -15.38 13.76
N PRO B 143 11.55 -14.43 13.21
CA PRO B 143 10.92 -13.40 14.06
C PRO B 143 9.99 -14.00 15.12
N LEU B 144 9.38 -15.15 14.84
CA LEU B 144 8.50 -15.78 15.81
C LEU B 144 9.29 -16.31 16.99
N GLY B 145 10.44 -16.94 16.74
CA GLY B 145 11.28 -17.38 17.83
C GLY B 145 11.83 -16.23 18.64
N LYS B 146 12.17 -15.11 17.98
CA LYS B 146 12.69 -13.97 18.70
C LYS B 146 11.62 -13.28 19.52
N LEU B 147 10.36 -13.32 19.06
CA LEU B 147 9.26 -12.79 19.85
C LEU B 147 9.13 -13.54 21.17
N VAL B 148 9.29 -14.87 21.14
CA VAL B 148 9.28 -15.65 22.36
C VAL B 148 10.48 -15.30 23.23
N GLU B 149 11.65 -15.18 22.61
CA GLU B 149 12.87 -14.87 23.36
C GLU B 149 12.77 -13.51 24.06
N ALA B 150 12.24 -12.51 23.36
CA ALA B 150 12.10 -11.17 23.92
C ALA B 150 10.89 -11.02 24.82
N LYS B 151 10.11 -12.09 25.03
CA LYS B 151 8.90 -12.06 25.84
C LYS B 151 7.91 -11.03 25.28
N GLY B 152 7.67 -11.13 23.98
CA GLY B 152 6.71 -10.27 23.32
C GLY B 152 5.29 -10.74 23.54
N LYS B 153 4.38 -10.10 22.82
CA LYS B 153 2.95 -10.39 22.90
C LYS B 153 2.40 -10.56 21.49
N VAL B 154 1.18 -11.09 21.43
CA VAL B 154 0.43 -11.19 20.18
C VAL B 154 -0.93 -10.52 20.41
N LEU B 155 -1.27 -9.57 19.56
CA LEU B 155 -2.56 -8.90 19.61
C LEU B 155 -3.40 -9.37 18.43
N MET B 156 -4.54 -10.00 18.73
CA MET B 156 -5.52 -10.36 17.72
C MET B 156 -6.53 -9.22 17.66
N LEU B 157 -6.34 -8.32 16.71
CA LEU B 157 -7.14 -7.09 16.61
C LEU B 157 -8.34 -7.36 15.71
N GLY B 158 -9.41 -7.89 16.30
CA GLY B 158 -10.60 -8.25 15.55
C GLY B 158 -10.40 -9.50 14.72
N ALA B 159 -9.17 -9.95 14.62
CA ALA B 159 -8.85 -11.06 13.74
C ALA B 159 -9.30 -12.38 14.36
N PRO B 160 -9.85 -13.29 13.55
CA PRO B 160 -10.20 -14.61 14.07
C PRO B 160 -8.96 -15.30 14.62
N LEU B 161 -9.17 -16.07 15.70
CA LEU B 161 -8.05 -16.59 16.48
C LEU B 161 -7.25 -17.65 15.75
N ASP B 162 -7.84 -18.29 14.73
CA ASP B 162 -7.11 -19.28 13.94
C ASP B 162 -5.92 -18.66 13.19
N THR B 163 -5.93 -17.35 12.98
CA THR B 163 -4.89 -16.69 12.18
C THR B 163 -3.66 -16.33 13.00
N MET B 164 -3.54 -16.82 14.23
CA MET B 164 -2.38 -16.53 15.07
C MET B 164 -1.20 -17.36 14.57
N THR B 165 -0.37 -16.75 13.72
CA THR B 165 0.75 -17.46 13.10
C THR B 165 1.79 -17.94 14.10
N LEU B 166 1.83 -17.33 15.28
CA LEU B 166 2.80 -17.75 16.29
C LEU B 166 2.66 -19.24 16.61
N LEU B 167 1.45 -19.78 16.55
CA LEU B 167 1.25 -21.19 16.83
C LEU B 167 1.90 -22.08 15.76
N ALA B 168 2.19 -21.54 14.59
CA ALA B 168 3.00 -22.29 13.63
C ALA B 168 4.42 -22.48 14.15
N HIS B 169 4.91 -21.54 14.97
CA HIS B 169 6.18 -21.76 15.65
C HIS B 169 6.07 -22.88 16.67
N ALA B 170 4.88 -23.07 17.26
CA ALA B 170 4.67 -24.21 18.13
C ALA B 170 4.58 -25.51 17.34
N GLU B 171 3.95 -25.46 16.16
CA GLU B 171 3.95 -26.63 15.27
C GLU B 171 5.36 -27.06 14.93
N HIS B 172 6.27 -26.09 14.78
CA HIS B 172 7.66 -26.43 14.50
C HIS B 172 8.33 -27.05 15.71
N LEU B 173 8.12 -26.48 16.90
CA LEU B 173 8.83 -26.94 18.09
C LEU B 173 8.28 -28.26 18.61
N ALA B 174 6.96 -28.45 18.51
CA ALA B 174 6.32 -29.58 19.16
C ALA B 174 6.78 -30.91 18.57
N ASP B 175 6.94 -31.90 19.44
CA ASP B 175 7.33 -33.24 19.05
C ASP B 175 6.07 -34.09 18.96
N PHE B 176 5.61 -34.35 17.74
CA PHE B 176 4.49 -35.23 17.48
C PHE B 176 4.73 -35.94 16.17
N PRO B 177 4.20 -37.15 16.00
CA PRO B 177 4.60 -37.98 14.84
C PRO B 177 4.01 -37.49 13.53
N ASN B 178 4.76 -37.77 12.45
CA ASN B 178 4.30 -37.60 11.07
C ASN B 178 4.05 -36.13 10.72
N LYS B 179 4.99 -35.27 11.08
CA LYS B 179 4.92 -33.89 10.66
C LYS B 179 5.23 -33.80 9.18
N ARG B 180 4.29 -33.26 8.41
CA ARG B 180 4.47 -33.14 6.97
C ARG B 180 5.58 -32.14 6.65
N ILE B 181 6.37 -32.46 5.64
CA ILE B 181 7.46 -31.61 5.19
C ILE B 181 7.20 -31.18 3.76
N LEU B 182 7.25 -29.88 3.51
CA LEU B 182 7.08 -29.31 2.18
C LEU B 182 8.45 -29.04 1.57
N ARG B 183 8.58 -29.33 0.28
CA ARG B 183 9.80 -29.03 -0.47
C ARG B 183 9.40 -28.34 -1.76
N TYR B 184 9.88 -27.11 -1.95
CA TYR B 184 9.47 -26.32 -3.10
C TYR B 184 10.62 -25.43 -3.53
N GLU B 185 10.60 -25.06 -4.81
CA GLU B 185 11.58 -24.17 -5.39
C GLU B 185 10.93 -22.82 -5.65
N ALA B 186 11.61 -21.75 -5.27
CA ALA B 186 11.05 -20.41 -5.43
C ALA B 186 12.15 -19.40 -5.72
N PRO B 187 11.85 -18.35 -6.47
CA PRO B 187 12.90 -17.36 -6.81
C PRO B 187 13.05 -16.32 -5.71
N ILE B 188 14.29 -16.03 -5.35
CA ILE B 188 14.60 -15.00 -4.37
C ILE B 188 15.69 -14.10 -4.95
N LEU B 189 15.68 -12.85 -4.51
CA LEU B 189 16.67 -11.88 -4.94
C LEU B 189 17.92 -12.04 -4.09
N VAL B 190 19.05 -12.32 -4.72
CA VAL B 190 20.33 -12.48 -4.05
C VAL B 190 21.20 -11.29 -4.44
N ASP B 191 21.23 -10.27 -3.57
CA ASP B 191 21.95 -9.02 -3.83
C ASP B 191 21.60 -8.44 -5.19
N GLY B 192 20.30 -8.38 -5.48
CA GLY B 192 19.80 -7.77 -6.70
C GLY B 192 19.59 -8.71 -7.86
N GLU B 193 19.98 -9.98 -7.75
CA GLU B 193 19.87 -10.93 -8.85
C GLU B 193 18.91 -12.05 -8.47
N LYS B 194 18.05 -12.41 -9.43
CA LYS B 194 17.07 -13.46 -9.23
C LYS B 194 17.74 -14.83 -9.25
N VAL B 195 17.46 -15.63 -8.22
CA VAL B 195 18.00 -16.98 -8.10
C VAL B 195 16.89 -17.90 -7.64
N TRP B 196 16.72 -19.02 -8.33
CA TRP B 196 15.79 -20.04 -7.89
C TRP B 196 16.47 -20.93 -6.86
N ARG B 197 15.85 -21.07 -5.71
CA ARG B 197 16.42 -21.80 -4.58
C ARG B 197 15.41 -22.81 -4.07
N TRP B 198 15.90 -23.97 -3.66
CA TRP B 198 15.05 -24.99 -3.07
C TRP B 198 14.83 -24.69 -1.59
N PHE B 199 13.58 -24.83 -1.15
CA PHE B 199 13.19 -24.57 0.22
C PHE B 199 12.64 -25.84 0.83
N GLU B 200 12.68 -25.91 2.16
CA GLU B 200 11.95 -26.95 2.86
C GLU B 200 11.57 -26.45 4.24
N GLU B 201 10.43 -26.93 4.72
CA GLU B 201 9.85 -26.47 5.98
C GLU B 201 8.76 -27.46 6.38
N PHE B 202 8.30 -27.32 7.62
CA PHE B 202 7.08 -28.02 8.03
C PHE B 202 5.87 -27.31 7.44
N ASP B 203 4.91 -28.11 6.98
CA ASP B 203 3.72 -27.55 6.34
C ASP B 203 2.97 -26.62 7.28
N THR B 204 2.73 -25.39 6.81
CA THR B 204 1.94 -24.44 7.59
C THR B 204 0.61 -24.09 6.94
N SER B 205 0.35 -24.55 5.71
CA SER B 205 -0.90 -24.26 5.05
C SER B 205 -1.97 -25.30 5.32
N ASP B 206 -1.59 -26.47 5.85
CA ASP B 206 -2.53 -27.51 6.23
C ASP B 206 -2.23 -27.97 7.65
N PRO B 207 -3.26 -28.24 8.45
CA PRO B 207 -3.02 -28.71 9.82
C PRO B 207 -2.47 -30.13 9.82
N PRO B 208 -1.91 -30.59 10.93
CA PRO B 208 -1.52 -32.00 11.03
C PRO B 208 -2.73 -32.91 10.81
N ASP B 209 -2.46 -34.11 10.29
CA ASP B 209 -3.53 -35.04 10.00
C ASP B 209 -4.34 -35.35 11.25
N GLY B 210 -5.67 -35.21 11.14
CA GLY B 210 -6.55 -35.43 12.27
C GLY B 210 -7.15 -34.16 12.82
N LEU B 211 -6.38 -33.08 12.78
CA LEU B 211 -6.80 -31.80 13.35
C LEU B 211 -7.50 -30.94 12.30
N ALA B 212 -8.41 -30.10 12.77
CA ALA B 212 -9.18 -29.24 11.89
C ALA B 212 -8.37 -28.01 11.48
N ASP B 213 -8.81 -27.37 10.40
CA ASP B 213 -8.09 -26.22 9.86
C ASP B 213 -8.02 -25.07 10.86
N ASP B 214 -9.09 -24.87 11.64
CA ASP B 214 -9.16 -23.79 12.60
C ASP B 214 -8.80 -24.23 14.01
N TYR B 215 -8.04 -25.33 14.15
CA TYR B 215 -7.71 -25.84 15.46
C TYR B 215 -6.82 -24.88 16.25
N PHE B 216 -6.17 -23.93 15.57
CA PHE B 216 -5.50 -22.85 16.29
C PHE B 216 -6.47 -22.09 17.18
N ALA B 217 -7.72 -21.93 16.73
CA ALA B 217 -8.69 -21.16 17.48
C ALA B 217 -9.01 -21.83 18.82
N GLY B 218 -9.19 -23.16 18.82
CA GLY B 218 -9.46 -23.87 20.05
C GLY B 218 -8.34 -23.73 21.07
N ILE B 219 -7.09 -23.78 20.59
CA ILE B 219 -5.94 -23.65 21.49
C ILE B 219 -5.93 -22.26 22.15
N VAL B 220 -6.23 -21.23 21.37
CA VAL B 220 -6.27 -19.87 21.94
C VAL B 220 -7.40 -19.76 22.95
N GLU B 221 -8.58 -20.32 22.63
CA GLU B 221 -9.70 -20.31 23.57
C GLU B 221 -9.35 -21.04 24.86
N GLU B 222 -8.61 -22.15 24.75
CA GLU B 222 -8.21 -22.88 25.95
C GLU B 222 -7.21 -22.08 26.77
N PHE B 223 -6.26 -21.43 26.11
CA PHE B 223 -5.29 -20.61 26.84
C PHE B 223 -5.97 -19.46 27.58
N LEU B 224 -7.01 -18.87 26.97
CA LEU B 224 -7.73 -17.80 27.62
C LEU B 224 -8.54 -18.31 28.81
N ALA B 225 -9.03 -19.55 28.74
CA ALA B 225 -9.74 -20.13 29.88
C ALA B 225 -8.80 -20.34 31.07
N THR B 226 -7.51 -20.49 30.81
CA THR B 226 -6.53 -20.50 31.89
C THR B 226 -6.51 -19.18 32.65
N GLY B 227 -6.86 -18.08 31.97
CA GLY B 227 -6.84 -16.77 32.57
C GLY B 227 -5.56 -16.01 32.39
N ARG B 228 -4.69 -16.44 31.48
CA ARG B 228 -3.41 -15.79 31.25
C ARG B 228 -3.43 -14.83 30.06
N GLY B 229 -4.57 -14.71 29.38
CA GLY B 229 -4.73 -13.72 28.33
C GLY B 229 -5.51 -12.51 28.80
N LYS B 230 -5.89 -11.68 27.83
CA LYS B 230 -6.71 -10.51 28.12
C LYS B 230 -7.58 -10.20 26.90
N ARG B 231 -8.89 -10.29 27.08
CA ARG B 231 -9.83 -9.87 26.06
C ARG B 231 -10.15 -8.39 26.23
N GLY B 232 -10.14 -7.65 25.13
CA GLY B 232 -10.35 -6.21 25.22
C GLY B 232 -10.91 -5.67 23.92
N LYS B 233 -11.54 -4.51 24.03
CA LYS B 233 -12.11 -3.81 22.89
C LYS B 233 -11.10 -2.78 22.40
N ILE B 234 -10.70 -2.89 21.13
CA ILE B 234 -9.86 -1.89 20.47
C ILE B 234 -10.75 -1.18 19.45
N GLY B 235 -11.13 0.05 19.76
CA GLY B 235 -12.18 0.71 18.99
C GLY B 235 -13.47 -0.07 19.12
N GLU B 236 -13.92 -0.67 18.02
CA GLU B 236 -15.09 -1.53 18.04
C GLU B 236 -14.75 -2.99 17.77
N ALA B 237 -13.47 -3.35 17.84
CA ALA B 237 -13.02 -4.69 17.46
C ALA B 237 -12.71 -5.50 18.71
N SER B 238 -13.41 -6.63 18.87
CA SER B 238 -13.11 -7.55 19.96
C SER B 238 -11.69 -8.10 19.77
N SER B 239 -10.84 -7.85 20.75
CA SER B 239 -9.42 -8.13 20.59
C SER B 239 -8.90 -8.97 21.76
N VAL B 240 -7.81 -9.68 21.49
CA VAL B 240 -7.17 -10.58 22.43
C VAL B 240 -5.68 -10.28 22.45
N LEU B 241 -5.12 -10.12 23.64
CA LEU B 241 -3.69 -9.91 23.83
C LEU B 241 -3.16 -11.02 24.72
N VAL B 242 -2.21 -11.79 24.18
CA VAL B 242 -1.63 -12.93 24.91
C VAL B 242 -0.10 -12.80 24.93
N PRO B 243 0.56 -13.28 25.99
CA PRO B 243 2.03 -13.31 25.98
C PRO B 243 2.55 -14.38 25.03
N ALA B 244 3.67 -14.06 24.37
CA ALA B 244 4.17 -14.94 23.31
C ALA B 244 4.74 -16.24 23.88
N ASP B 245 5.60 -16.14 24.89
CA ASP B 245 6.25 -17.34 25.41
C ASP B 245 5.27 -18.29 26.08
N GLU B 246 4.24 -17.76 26.74
CA GLU B 246 3.31 -18.61 27.49
C GLU B 246 2.39 -19.39 26.56
N ILE B 247 1.89 -18.75 25.50
CA ILE B 247 1.00 -19.47 24.58
C ILE B 247 1.77 -20.42 23.69
N VAL B 248 3.06 -20.18 23.44
CA VAL B 248 3.86 -21.15 22.71
C VAL B 248 4.05 -22.41 23.54
N ALA B 249 4.45 -22.25 24.80
CA ALA B 249 4.60 -23.40 25.69
C ALA B 249 3.29 -24.15 25.86
N PHE B 250 2.19 -23.41 26.05
CA PHE B 250 0.87 -24.04 26.15
C PHE B 250 0.55 -24.81 24.88
N ALA B 251 0.88 -24.27 23.71
CA ALA B 251 0.55 -24.93 22.45
C ALA B 251 1.46 -26.12 22.18
N VAL B 252 2.75 -26.00 22.51
CA VAL B 252 3.68 -27.11 22.30
C VAL B 252 3.23 -28.32 23.11
N ASP B 253 2.93 -28.11 24.39
CA ASP B 253 2.42 -29.18 25.23
C ASP B 253 1.11 -29.73 24.70
N TRP B 254 0.23 -28.84 24.22
CA TRP B 254 -1.05 -29.27 23.64
C TRP B 254 -0.83 -30.21 22.47
N LEU B 255 0.12 -29.89 21.59
CA LEU B 255 0.33 -30.72 20.41
C LEU B 255 1.03 -32.02 20.76
N GLU B 256 2.01 -31.97 21.67
CA GLU B 256 2.73 -33.19 22.04
C GLU B 256 1.82 -34.15 22.79
N ARG B 257 0.94 -33.62 23.64
CA ARG B 257 -0.04 -34.47 24.32
C ARG B 257 -0.97 -35.14 23.31
N TRP B 258 -1.44 -34.37 22.32
CA TRP B 258 -2.25 -34.96 21.26
C TRP B 258 -1.44 -35.95 20.43
N GLY B 259 -0.13 -35.73 20.32
CA GLY B 259 0.71 -36.62 19.53
C GLY B 259 0.85 -38.00 20.13
N ARG B 260 0.76 -38.11 21.46
CA ARG B 260 0.90 -39.39 22.13
C ARG B 260 -0.38 -40.22 22.13
N THR B 261 -1.50 -39.65 21.69
CA THR B 261 -2.76 -40.38 21.64
C THR B 261 -2.75 -41.41 20.52
#